data_4G21
#
_entry.id   4G21
#
_cell.length_a   66.287
_cell.length_b   66.287
_cell.length_c   263.662
_cell.angle_alpha   90.00
_cell.angle_beta   90.00
_cell.angle_gamma   120.00
#
_symmetry.space_group_name_H-M   'P 65 2 2'
#
loop_
_entity.id
_entity.type
_entity.pdbx_description
1 polymer 'Vitamin D3 receptor A'
2 polymer 'Nuclear receptor coactivator 1'
3 non-polymer "3-(5'-{[3,4-bis(hydroxymethyl)benzyl]oxy}-2'-ethyl-2-propylbiphenyl-4-yl)pentan-3-ol"
4 water water
#
loop_
_entity_poly.entity_id
_entity_poly.type
_entity_poly.pdbx_seq_one_letter_code
_entity_poly.pdbx_strand_id
1 'polypeptide(L)'
;HMLSDEQMQIINSLVEAHHKTYDDSYSDFVRFRPPVREGPVTRSASRAASLHSLSDASSDSFNHSPESVDTKLNFSNLLM
MYQDSGSPDSSEEDQQSRLSMLPHLADLVSYSIQKVIGFAKMIPGFRDLTAEDQIALLKSSAIEIIMLRSNQSFSLEDMS
WSCGGPDFKYCINDVTKAGHTLELLEPLVKFQVGLKKLKLHEEEHVLLMAICLLSPDRPGVQDHVRIEALQDRLCDVLQA
YIRIQHPGGRLLYAKMIQKLADLRSLNEEHSKQYRSLSFQPEHSMQLTPLVLEVFGSEVS
;
A
2 'polypeptide(L)' RHKILHRLLQEGSPS B
#
loop_
_chem_comp.id
_chem_comp.type
_chem_comp.name
_chem_comp.formula
0VP non-polymer 3-(5'-{[3,4-bis(hydroxymethyl)benzyl]oxy}-2'-ethyl-2-propylbiphenyl-4-yl)pentan-3-ol 'C31 H40 O4'
#
# COMPACT_ATOMS: atom_id res chain seq x y z
N HIS A 1 7.63 16.95 26.00
CA HIS A 1 6.22 16.79 25.57
C HIS A 1 5.83 15.32 25.57
N MET A 2 4.59 15.03 25.21
CA MET A 2 4.07 13.66 25.14
C MET A 2 2.74 13.62 24.39
N LEU A 3 2.47 12.50 23.72
CA LEU A 3 1.24 12.34 22.94
C LEU A 3 -0.01 12.66 23.75
N SER A 4 -1.04 13.18 23.08
CA SER A 4 -2.28 13.55 23.74
C SER A 4 -3.32 12.47 23.54
N ASP A 5 -4.47 12.64 24.17
CA ASP A 5 -5.55 11.66 24.04
C ASP A 5 -5.90 11.50 22.58
N GLU A 6 -6.28 12.60 21.94
CA GLU A 6 -6.67 12.57 20.53
C GLU A 6 -5.61 11.87 19.68
N GLN A 7 -4.34 12.07 20.01
CA GLN A 7 -3.25 11.46 19.25
C GLN A 7 -3.12 9.95 19.48
N MET A 8 -3.12 9.52 20.74
CA MET A 8 -3.03 8.09 21.04
C MET A 8 -4.23 7.43 20.41
N GLN A 9 -5.38 8.08 20.51
CA GLN A 9 -6.62 7.55 19.94
C GLN A 9 -6.43 7.21 18.47
N ILE A 10 -5.96 8.21 17.71
CA ILE A 10 -5.71 8.05 16.29
C ILE A 10 -4.81 6.85 16.02
N ILE A 11 -3.79 6.67 16.86
CA ILE A 11 -2.89 5.53 16.70
C ILE A 11 -3.65 4.23 16.93
N ASN A 12 -4.30 4.11 18.08
CA ASN A 12 -5.07 2.90 18.38
C ASN A 12 -6.00 2.60 17.22
N SER A 13 -6.70 3.63 16.74
CA SER A 13 -7.63 3.48 15.62
C SER A 13 -6.97 2.87 14.39
N LEU A 14 -5.82 3.44 14.01
CA LEU A 14 -5.09 2.96 12.85
C LEU A 14 -4.56 1.55 13.05
N VAL A 15 -3.75 1.36 14.09
CA VAL A 15 -3.16 0.05 14.38
C VAL A 15 -4.21 -1.06 14.44
N GLU A 16 -5.35 -0.78 15.05
CA GLU A 16 -6.40 -1.78 15.15
C GLU A 16 -6.95 -2.05 13.76
N ALA A 17 -7.08 -1.00 12.96
CA ALA A 17 -7.59 -1.11 11.60
C ALA A 17 -6.65 -1.95 10.77
N HIS A 18 -5.36 -1.73 10.97
CA HIS A 18 -4.37 -2.50 10.23
C HIS A 18 -4.54 -3.96 10.56
N HIS A 19 -4.66 -4.26 11.85
CA HIS A 19 -4.84 -5.63 12.29
C HIS A 19 -6.08 -6.23 11.63
N LYS A 20 -7.17 -5.47 11.61
CA LYS A 20 -8.42 -5.93 11.04
C LYS A 20 -8.38 -6.06 9.52
N THR A 21 -7.25 -5.70 8.91
CA THR A 21 -7.12 -5.79 7.46
C THR A 21 -5.81 -6.41 7.00
N TYR A 22 -5.08 -7.03 7.92
CA TYR A 22 -3.83 -7.69 7.57
C TYR A 22 -3.72 -9.04 8.28
N ASP A 23 -4.05 -10.09 7.55
CA ASP A 23 -4.02 -11.46 8.05
C ASP A 23 -2.60 -12.03 8.15
N ASP A 24 -2.02 -11.95 9.34
CA ASP A 24 -0.66 -12.45 9.57
C ASP A 24 -0.48 -13.94 9.30
N SER A 25 -1.56 -14.66 9.03
CA SER A 25 -1.47 -16.09 8.76
C SER A 25 -1.33 -16.37 7.26
N TYR A 26 -1.83 -15.45 6.43
CA TYR A 26 -1.80 -15.57 4.98
C TYR A 26 -2.62 -16.76 4.53
N SER A 27 -3.64 -17.09 5.31
CA SER A 27 -4.49 -18.21 4.98
C SER A 27 -5.28 -18.02 3.69
N ASP A 28 -5.62 -16.77 3.37
CA ASP A 28 -6.39 -16.50 2.17
C ASP A 28 -5.68 -16.78 0.85
N PHE A 29 -4.35 -16.88 0.88
CA PHE A 29 -3.57 -17.13 -0.32
C PHE A 29 -3.92 -18.43 -1.05
N VAL A 30 -4.38 -19.44 -0.31
CA VAL A 30 -4.73 -20.70 -0.96
C VAL A 30 -5.91 -20.51 -1.90
N ARG A 31 -6.64 -19.41 -1.73
CA ARG A 31 -7.80 -19.12 -2.55
C ARG A 31 -7.45 -18.48 -3.89
N PHE A 32 -6.23 -17.95 -4.00
CA PHE A 32 -5.78 -17.32 -5.24
C PHE A 32 -5.50 -18.40 -6.27
N ARG A 33 -5.34 -17.99 -7.53
CA ARG A 33 -5.01 -18.93 -8.58
C ARG A 33 -3.56 -19.33 -8.28
N PRO A 34 -3.30 -20.64 -8.22
CA PRO A 34 -1.99 -21.22 -7.93
C PRO A 34 -0.78 -20.55 -8.61
N PRO A 35 0.29 -20.31 -7.84
CA PRO A 35 1.49 -19.69 -8.38
C PRO A 35 2.19 -20.71 -9.27
N VAL A 36 2.62 -20.29 -10.45
CA VAL A 36 3.31 -21.21 -11.35
C VAL A 36 4.75 -20.78 -11.58
N ARG A 37 5.66 -21.38 -10.81
CA ARG A 37 7.08 -21.07 -10.94
C ARG A 37 7.67 -21.77 -12.16
N ARG A 98 7.13 -16.17 -19.49
CA ARG A 98 5.94 -15.77 -20.23
C ARG A 98 4.79 -15.37 -19.30
N LEU A 99 5.11 -14.62 -18.25
CA LEU A 99 4.13 -14.14 -17.28
C LEU A 99 3.38 -15.27 -16.56
N SER A 100 4.12 -16.28 -16.12
CA SER A 100 3.52 -17.41 -15.45
C SER A 100 2.98 -17.07 -14.07
N MET A 101 3.63 -16.10 -13.42
CA MET A 101 3.22 -15.68 -12.08
C MET A 101 2.24 -14.51 -12.09
N LEU A 102 1.60 -14.24 -13.22
CA LEU A 102 0.67 -13.14 -13.29
C LEU A 102 -0.69 -13.42 -12.67
N PRO A 103 -1.26 -14.61 -12.95
CA PRO A 103 -2.57 -14.94 -12.36
C PRO A 103 -2.53 -14.87 -10.84
N HIS A 104 -1.62 -15.62 -10.23
CA HIS A 104 -1.52 -15.61 -8.78
C HIS A 104 -1.32 -14.17 -8.27
N LEU A 105 -0.25 -13.52 -8.72
CA LEU A 105 0.04 -12.17 -8.27
C LEU A 105 -1.08 -11.18 -8.53
N ALA A 106 -1.81 -11.36 -9.63
CA ALA A 106 -2.93 -10.47 -9.94
C ALA A 106 -3.99 -10.66 -8.86
N ASP A 107 -4.14 -11.90 -8.39
CA ASP A 107 -5.11 -12.19 -7.34
C ASP A 107 -4.59 -11.66 -6.00
N LEU A 108 -3.29 -11.80 -5.79
CA LEU A 108 -2.69 -11.33 -4.55
C LEU A 108 -2.90 -9.82 -4.45
N VAL A 109 -2.64 -9.13 -5.56
CA VAL A 109 -2.79 -7.68 -5.60
C VAL A 109 -4.24 -7.25 -5.46
N SER A 110 -5.14 -7.92 -6.17
CA SER A 110 -6.55 -7.57 -6.10
C SER A 110 -7.03 -7.72 -4.66
N TYR A 111 -6.51 -8.74 -4.00
CA TYR A 111 -6.84 -9.03 -2.61
C TYR A 111 -6.32 -7.90 -1.75
N SER A 112 -5.10 -7.46 -2.05
CA SER A 112 -4.47 -6.39 -1.29
C SER A 112 -5.25 -5.08 -1.44
N ILE A 113 -5.74 -4.81 -2.65
CA ILE A 113 -6.49 -3.58 -2.88
C ILE A 113 -7.72 -3.61 -1.97
N GLN A 114 -8.36 -4.77 -1.88
CA GLN A 114 -9.54 -4.91 -1.05
C GLN A 114 -9.23 -4.57 0.40
N LYS A 115 -8.10 -5.05 0.90
CA LYS A 115 -7.72 -4.76 2.27
C LYS A 115 -7.40 -3.29 2.44
N VAL A 116 -6.69 -2.74 1.47
CA VAL A 116 -6.32 -1.33 1.51
C VAL A 116 -7.58 -0.46 1.62
N ILE A 117 -8.61 -0.84 0.89
CA ILE A 117 -9.87 -0.11 0.91
C ILE A 117 -10.49 -0.17 2.31
N GLY A 118 -10.48 -1.36 2.89
CA GLY A 118 -11.04 -1.54 4.22
C GLY A 118 -10.21 -0.82 5.27
N PHE A 119 -8.91 -0.72 5.05
CA PHE A 119 -8.04 -0.03 5.99
C PHE A 119 -8.43 1.43 5.94
N ALA A 120 -8.55 1.96 4.74
CA ALA A 120 -8.90 3.36 4.51
C ALA A 120 -10.18 3.74 5.25
N LYS A 121 -11.25 3.01 4.96
CA LYS A 121 -12.53 3.26 5.58
C LYS A 121 -12.40 3.43 7.09
N MET A 122 -11.37 2.83 7.68
CA MET A 122 -11.14 2.90 9.12
C MET A 122 -10.16 3.99 9.56
N ILE A 123 -9.78 4.87 8.66
CA ILE A 123 -8.89 5.96 9.04
C ILE A 123 -9.80 7.10 9.47
N PRO A 124 -9.72 7.49 10.74
CA PRO A 124 -10.59 8.59 11.20
C PRO A 124 -10.43 9.81 10.29
N GLY A 125 -11.52 10.18 9.63
CA GLY A 125 -11.50 11.32 8.74
C GLY A 125 -11.72 10.93 7.28
N PHE A 126 -11.22 9.75 6.90
CA PHE A 126 -11.36 9.29 5.54
C PHE A 126 -12.82 9.08 5.19
N ARG A 127 -13.56 8.50 6.12
CA ARG A 127 -14.98 8.21 5.93
C ARG A 127 -15.84 9.44 5.61
N ASP A 128 -15.40 10.63 6.02
CA ASP A 128 -16.18 11.83 5.79
C ASP A 128 -15.84 12.63 4.54
N LEU A 129 -15.03 12.07 3.65
CA LEU A 129 -14.67 12.76 2.43
C LEU A 129 -15.68 12.35 1.38
N THR A 130 -15.71 13.09 0.27
CA THR A 130 -16.63 12.78 -0.82
C THR A 130 -16.12 11.52 -1.52
N ALA A 131 -17.03 10.61 -1.84
CA ALA A 131 -16.67 9.37 -2.52
C ALA A 131 -15.66 9.62 -3.63
N GLU A 132 -15.81 10.77 -4.29
CA GLU A 132 -14.91 11.14 -5.39
C GLU A 132 -13.49 11.30 -4.86
N ASP A 133 -13.34 11.95 -3.71
CA ASP A 133 -12.02 12.13 -3.14
C ASP A 133 -11.47 10.83 -2.57
N GLN A 134 -12.34 10.01 -1.98
CA GLN A 134 -11.89 8.74 -1.44
C GLN A 134 -11.35 7.92 -2.60
N ILE A 135 -12.14 7.86 -3.66
CA ILE A 135 -11.73 7.13 -4.86
C ILE A 135 -10.45 7.73 -5.44
N ALA A 136 -10.41 9.05 -5.54
CA ALA A 136 -9.25 9.73 -6.07
C ALA A 136 -8.03 9.30 -5.28
N LEU A 137 -8.14 9.39 -3.95
CA LEU A 137 -7.05 9.00 -3.07
C LEU A 137 -6.68 7.54 -3.24
N LEU A 138 -7.68 6.66 -3.28
CA LEU A 138 -7.43 5.23 -3.45
C LEU A 138 -6.68 4.93 -4.73
N LYS A 139 -7.31 5.20 -5.88
CA LYS A 139 -6.70 4.93 -7.16
C LYS A 139 -5.26 5.43 -7.24
N SER A 140 -5.04 6.67 -6.79
CA SER A 140 -3.71 7.27 -6.83
C SER A 140 -2.70 6.63 -5.88
N SER A 141 -3.11 6.33 -4.65
CA SER A 141 -2.20 5.78 -3.66
C SER A 141 -2.17 4.27 -3.48
N ALA A 142 -3.26 3.60 -3.86
CA ALA A 142 -3.36 2.15 -3.70
C ALA A 142 -2.05 1.40 -3.91
N ILE A 143 -1.49 1.49 -5.11
CA ILE A 143 -0.27 0.79 -5.44
C ILE A 143 0.85 0.98 -4.41
N GLU A 144 1.03 2.20 -3.93
CA GLU A 144 2.07 2.47 -2.95
C GLU A 144 1.73 1.83 -1.61
N ILE A 145 0.49 2.00 -1.17
CA ILE A 145 0.05 1.45 0.10
C ILE A 145 0.30 -0.06 0.08
N ILE A 146 0.13 -0.65 -1.09
CA ILE A 146 0.37 -2.07 -1.23
C ILE A 146 1.86 -2.39 -1.11
N MET A 147 2.70 -1.60 -1.77
CA MET A 147 4.14 -1.81 -1.71
C MET A 147 4.61 -1.60 -0.28
N LEU A 148 3.90 -0.75 0.45
CA LEU A 148 4.24 -0.46 1.84
C LEU A 148 3.88 -1.64 2.74
N ARG A 149 2.60 -2.03 2.69
CA ARG A 149 2.11 -3.12 3.51
C ARG A 149 2.77 -4.45 3.18
N SER A 150 3.32 -4.55 1.98
CA SER A 150 3.97 -5.78 1.56
C SER A 150 5.33 -5.97 2.22
N ASN A 151 5.90 -4.90 2.77
CA ASN A 151 7.20 -5.01 3.43
C ASN A 151 7.08 -5.82 4.72
N GLN A 152 5.91 -5.75 5.33
CA GLN A 152 5.64 -6.46 6.57
C GLN A 152 5.78 -7.98 6.41
N SER A 153 6.14 -8.42 5.22
CA SER A 153 6.32 -9.84 4.95
C SER A 153 7.57 -10.06 4.11
N PHE A 154 8.42 -9.04 4.06
CA PHE A 154 9.66 -9.12 3.28
C PHE A 154 10.79 -9.60 4.19
N SER A 155 11.59 -10.55 3.69
CA SER A 155 12.71 -11.10 4.45
C SER A 155 14.05 -10.61 3.93
N LEU A 156 15.01 -10.44 4.82
CA LEU A 156 16.34 -9.97 4.45
C LEU A 156 17.26 -11.12 4.11
N GLU A 157 17.11 -12.23 4.83
CA GLU A 157 17.93 -13.41 4.61
C GLU A 157 17.79 -13.87 3.16
N ASP A 158 16.59 -14.33 2.82
CA ASP A 158 16.30 -14.82 1.47
C ASP A 158 15.89 -13.72 0.50
N MET A 159 15.84 -12.48 0.98
CA MET A 159 15.46 -11.36 0.13
C MET A 159 14.22 -11.66 -0.69
N SER A 160 13.11 -11.93 -0.01
CA SER A 160 11.87 -12.25 -0.70
C SER A 160 10.66 -11.97 0.19
N TRP A 161 9.48 -12.08 -0.41
CA TRP A 161 8.22 -11.86 0.29
C TRP A 161 7.70 -13.23 0.71
N SER A 162 8.04 -13.64 1.93
CA SER A 162 7.61 -14.93 2.44
C SER A 162 6.22 -14.77 3.05
N CYS A 163 5.25 -15.53 2.55
CA CYS A 163 3.89 -15.41 3.05
C CYS A 163 3.26 -16.73 3.49
N GLY A 164 3.68 -17.21 4.66
CA GLY A 164 3.13 -18.45 5.18
C GLY A 164 3.96 -19.68 4.85
N GLY A 165 4.06 -20.01 3.57
CA GLY A 165 4.83 -21.17 3.17
C GLY A 165 5.84 -20.92 2.07
N PRO A 166 6.43 -21.99 1.52
CA PRO A 166 7.44 -21.94 0.45
C PRO A 166 6.79 -21.72 -0.92
N ASP A 167 5.51 -22.08 -1.00
CA ASP A 167 4.74 -21.92 -2.22
C ASP A 167 4.20 -20.50 -2.30
N PHE A 168 4.47 -19.72 -1.25
CA PHE A 168 4.06 -18.33 -1.19
C PHE A 168 5.25 -17.44 -0.84
N LYS A 169 6.44 -17.92 -1.18
CA LYS A 169 7.67 -17.19 -0.97
C LYS A 169 8.04 -16.63 -2.34
N TYR A 170 7.87 -15.33 -2.52
CA TYR A 170 8.16 -14.70 -3.80
C TYR A 170 9.58 -14.16 -3.89
N CYS A 171 10.40 -14.85 -4.67
CA CYS A 171 11.80 -14.44 -4.85
C CYS A 171 11.88 -13.49 -6.03
N ILE A 172 12.99 -12.77 -6.15
CA ILE A 172 13.18 -11.84 -7.25
C ILE A 172 12.93 -12.59 -8.56
N ASN A 173 13.16 -13.89 -8.52
CA ASN A 173 12.96 -14.73 -9.70
C ASN A 173 11.48 -14.70 -10.10
N ASP A 174 10.63 -15.19 -9.19
CA ASP A 174 9.19 -15.23 -9.40
C ASP A 174 8.64 -13.89 -9.86
N VAL A 175 8.83 -12.90 -8.99
CA VAL A 175 8.39 -11.53 -9.22
C VAL A 175 8.57 -11.03 -10.65
N THR A 176 9.52 -11.62 -11.36
CA THR A 176 9.78 -11.21 -12.74
C THR A 176 8.65 -11.69 -13.66
N LYS A 177 8.35 -12.98 -13.56
CA LYS A 177 7.32 -13.61 -14.38
C LYS A 177 5.91 -13.05 -14.17
N ALA A 178 5.81 -11.85 -13.63
CA ALA A 178 4.51 -11.23 -13.38
C ALA A 178 4.22 -10.12 -14.38
N GLY A 179 5.11 -9.97 -15.37
CA GLY A 179 4.92 -8.95 -16.38
C GLY A 179 5.69 -7.67 -16.12
N HIS A 180 6.44 -7.64 -15.04
CA HIS A 180 7.22 -6.45 -14.71
C HIS A 180 8.72 -6.62 -14.87
N THR A 181 9.35 -5.64 -15.53
CA THR A 181 10.79 -5.65 -15.77
C THR A 181 11.51 -5.30 -14.49
N LEU A 182 12.84 -5.32 -14.54
CA LEU A 182 13.62 -5.00 -13.36
C LEU A 182 13.74 -3.51 -13.16
N GLU A 183 13.39 -2.75 -14.18
CA GLU A 183 13.46 -1.30 -14.08
C GLU A 183 12.53 -0.88 -12.94
N LEU A 184 11.61 -1.78 -12.61
CA LEU A 184 10.66 -1.56 -11.53
C LEU A 184 11.11 -2.35 -10.31
N LEU A 185 11.27 -3.65 -10.49
CA LEU A 185 11.67 -4.53 -9.39
C LEU A 185 12.90 -4.06 -8.64
N GLU A 186 13.90 -3.60 -9.37
CA GLU A 186 15.12 -3.14 -8.74
C GLU A 186 14.84 -2.05 -7.72
N PRO A 187 14.28 -0.90 -8.15
CA PRO A 187 13.99 0.16 -7.18
C PRO A 187 13.07 -0.33 -6.07
N LEU A 188 12.13 -1.19 -6.42
CA LEU A 188 11.17 -1.73 -5.46
C LEU A 188 11.90 -2.52 -4.38
N VAL A 189 12.74 -3.46 -4.80
CA VAL A 189 13.48 -4.29 -3.87
C VAL A 189 14.37 -3.43 -2.96
N LYS A 190 14.92 -2.35 -3.52
CA LYS A 190 15.76 -1.43 -2.78
C LYS A 190 14.91 -0.71 -1.74
N PHE A 191 13.70 -0.32 -2.14
CA PHE A 191 12.78 0.35 -1.25
C PHE A 191 12.44 -0.61 -0.12
N GLN A 192 12.13 -1.85 -0.49
CA GLN A 192 11.78 -2.86 0.49
C GLN A 192 12.84 -3.03 1.57
N VAL A 193 14.10 -2.93 1.19
CA VAL A 193 15.19 -3.09 2.15
C VAL A 193 15.46 -1.82 2.95
N GLY A 194 15.58 -0.68 2.25
CA GLY A 194 15.82 0.56 2.94
C GLY A 194 14.76 0.75 4.01
N LEU A 195 13.57 0.28 3.70
CA LEU A 195 12.44 0.39 4.62
C LEU A 195 12.56 -0.62 5.75
N LYS A 196 12.83 -1.86 5.39
CA LYS A 196 12.97 -2.92 6.37
C LYS A 196 13.95 -2.47 7.44
N LYS A 197 15.09 -1.95 7.01
CA LYS A 197 16.14 -1.47 7.89
C LYS A 197 15.63 -0.50 8.97
N LEU A 198 14.73 0.40 8.59
CA LEU A 198 14.20 1.36 9.55
C LEU A 198 13.61 0.69 10.78
N LYS A 199 13.41 -0.63 10.70
CA LYS A 199 12.85 -1.41 11.81
C LYS A 199 11.80 -0.59 12.57
N LEU A 200 10.81 -0.07 11.83
CA LEU A 200 9.75 0.74 12.41
C LEU A 200 8.88 -0.01 13.40
N HIS A 201 8.04 0.74 14.08
CA HIS A 201 7.12 0.16 15.03
C HIS A 201 5.80 0.05 14.31
N GLU A 202 4.96 -0.86 14.76
CA GLU A 202 3.67 -1.07 14.15
C GLU A 202 2.94 0.27 13.98
N GLU A 203 3.13 1.16 14.94
CA GLU A 203 2.49 2.48 14.93
C GLU A 203 3.11 3.44 13.94
N GLU A 204 4.40 3.29 13.69
CA GLU A 204 5.09 4.14 12.74
C GLU A 204 4.78 3.62 11.35
N HIS A 205 4.57 2.32 11.25
CA HIS A 205 4.26 1.68 9.99
C HIS A 205 2.81 1.99 9.63
N VAL A 206 1.90 1.70 10.54
CA VAL A 206 0.49 1.94 10.31
C VAL A 206 0.26 3.43 10.01
N LEU A 207 1.00 4.29 10.68
CA LEU A 207 0.88 5.73 10.47
C LEU A 207 1.38 6.12 9.08
N LEU A 208 2.56 5.64 8.72
CA LEU A 208 3.12 5.94 7.42
C LEU A 208 2.14 5.57 6.31
N MET A 209 1.44 4.45 6.48
CA MET A 209 0.49 4.04 5.46
C MET A 209 -0.66 5.04 5.39
N ALA A 210 -1.21 5.41 6.55
CA ALA A 210 -2.31 6.36 6.63
C ALA A 210 -1.92 7.70 6.04
N ILE A 211 -0.73 8.16 6.39
CA ILE A 211 -0.23 9.41 5.87
C ILE A 211 -0.20 9.30 4.35
N CYS A 212 0.58 8.33 3.85
CA CYS A 212 0.70 8.11 2.41
C CYS A 212 -0.65 8.19 1.70
N LEU A 213 -1.63 7.43 2.20
CA LEU A 213 -2.96 7.40 1.62
C LEU A 213 -3.69 8.74 1.67
N LEU A 214 -3.41 9.54 2.69
CA LEU A 214 -4.07 10.83 2.82
C LEU A 214 -3.26 11.97 2.21
N SER A 215 -2.50 11.66 1.16
CA SER A 215 -1.71 12.68 0.49
C SER A 215 -2.67 13.44 -0.41
N PRO A 216 -2.80 14.77 -0.20
CA PRO A 216 -3.72 15.56 -1.03
C PRO A 216 -3.25 15.75 -2.47
N ASP A 217 -1.94 15.67 -2.70
CA ASP A 217 -1.37 15.86 -4.03
C ASP A 217 -1.47 14.64 -4.92
N ARG A 218 -2.70 14.28 -5.25
CA ARG A 218 -2.98 13.14 -6.10
C ARG A 218 -3.91 13.61 -7.20
N PRO A 219 -3.65 13.21 -8.45
CA PRO A 219 -4.51 13.64 -9.55
C PRO A 219 -5.97 13.22 -9.37
N GLY A 220 -6.83 14.18 -9.03
CA GLY A 220 -8.24 13.88 -8.85
C GLY A 220 -8.87 14.44 -7.59
N VAL A 221 -8.03 14.72 -6.59
CA VAL A 221 -8.53 15.27 -5.33
C VAL A 221 -9.23 16.61 -5.52
N GLN A 222 -10.44 16.73 -4.98
CA GLN A 222 -11.20 17.97 -5.05
C GLN A 222 -10.77 18.83 -3.87
N ASP A 223 -11.20 18.38 -2.69
CA ASP A 223 -10.95 19.05 -1.43
C ASP A 223 -9.52 18.87 -0.92
N HIS A 224 -8.52 19.26 -1.70
CA HIS A 224 -7.13 19.11 -1.27
C HIS A 224 -6.74 20.06 -0.14
N VAL A 225 -7.69 20.31 0.75
CA VAL A 225 -7.48 21.17 1.91
C VAL A 225 -7.86 20.37 3.16
N ARG A 226 -9.00 19.68 3.09
CA ARG A 226 -9.46 18.87 4.20
C ARG A 226 -8.52 17.68 4.27
N ILE A 227 -8.17 17.15 3.10
CA ILE A 227 -7.28 16.02 2.98
C ILE A 227 -5.91 16.46 3.46
N GLU A 228 -5.65 17.75 3.31
CA GLU A 228 -4.40 18.35 3.73
C GLU A 228 -4.39 18.40 5.27
N ALA A 229 -5.54 18.74 5.83
CA ALA A 229 -5.70 18.84 7.29
C ALA A 229 -5.47 17.50 7.97
N LEU A 230 -6.20 16.49 7.51
CA LEU A 230 -6.10 15.15 8.06
C LEU A 230 -4.66 14.67 8.08
N GLN A 231 -4.02 14.68 6.93
CA GLN A 231 -2.63 14.22 6.84
C GLN A 231 -1.70 14.95 7.80
N ASP A 232 -1.88 16.25 7.96
CA ASP A 232 -1.02 17.01 8.86
C ASP A 232 -1.20 16.52 10.27
N ARG A 233 -2.45 16.24 10.65
CA ARG A 233 -2.69 15.72 11.98
C ARG A 233 -1.94 14.38 12.09
N LEU A 234 -2.06 13.55 11.05
CA LEU A 234 -1.38 12.25 11.01
C LEU A 234 0.14 12.43 11.04
N CYS A 235 0.66 13.32 10.19
CA CYS A 235 2.10 13.56 10.15
C CYS A 235 2.64 13.89 11.54
N ASP A 236 1.85 14.61 12.33
CA ASP A 236 2.25 14.98 13.67
C ASP A 236 2.30 13.76 14.58
N VAL A 237 1.14 13.11 14.74
CA VAL A 237 1.05 11.93 15.58
C VAL A 237 2.32 11.11 15.40
N LEU A 238 2.76 10.97 14.15
CA LEU A 238 3.97 10.22 13.86
C LEU A 238 5.16 10.96 14.44
N GLN A 239 5.41 12.15 13.92
CA GLN A 239 6.53 12.99 14.34
C GLN A 239 6.66 12.99 15.86
N ALA A 240 5.53 13.10 16.54
CA ALA A 240 5.49 13.11 17.99
C ALA A 240 5.91 11.75 18.53
N TYR A 241 5.25 10.71 18.06
CA TYR A 241 5.55 9.35 18.49
C TYR A 241 7.04 9.06 18.40
N ILE A 242 7.62 9.22 17.22
CA ILE A 242 9.04 8.96 17.02
C ILE A 242 9.87 9.72 18.06
N ARG A 243 9.33 10.83 18.54
CA ARG A 243 10.01 11.64 19.55
C ARG A 243 9.88 10.98 20.92
N ILE A 244 8.68 11.03 21.48
CA ILE A 244 8.41 10.45 22.79
C ILE A 244 8.70 8.96 22.91
N GLN A 245 7.92 8.12 22.23
CA GLN A 245 8.08 6.68 22.34
C GLN A 245 9.07 5.97 21.43
N HIS A 246 10.01 6.69 20.82
CA HIS A 246 10.96 6.01 19.96
C HIS A 246 12.41 6.41 20.18
N PRO A 247 13.15 5.62 20.98
CA PRO A 247 14.55 5.89 21.28
C PRO A 247 15.45 5.72 20.07
N GLY A 248 16.48 6.54 19.96
CA GLY A 248 17.39 6.45 18.84
C GLY A 248 16.73 6.82 17.52
N GLY A 249 15.53 7.38 17.60
CA GLY A 249 14.83 7.79 16.39
C GLY A 249 14.84 9.29 16.25
N ARG A 250 16.01 9.86 16.01
CA ARG A 250 16.16 11.31 15.88
C ARG A 250 16.12 11.73 14.41
N LEU A 251 16.61 10.86 13.54
CA LEU A 251 16.63 11.14 12.11
C LEU A 251 15.61 10.29 11.37
N LEU A 252 14.76 9.60 12.12
CA LEU A 252 13.74 8.74 11.53
C LEU A 252 12.71 9.46 10.68
N TYR A 253 11.88 10.28 11.31
CA TYR A 253 10.84 11.03 10.62
C TYR A 253 11.30 11.43 9.22
N ALA A 254 12.47 12.05 9.16
CA ALA A 254 13.04 12.50 7.89
C ALA A 254 13.11 11.34 6.91
N LYS A 255 13.78 10.26 7.31
CA LYS A 255 13.91 9.09 6.45
C LYS A 255 12.56 8.54 6.05
N MET A 256 11.61 8.49 6.97
CA MET A 256 10.28 7.98 6.67
C MET A 256 9.62 8.80 5.56
N ILE A 257 9.53 10.11 5.75
CA ILE A 257 8.93 10.97 4.75
C ILE A 257 9.67 10.75 3.43
N GLN A 258 10.98 10.57 3.53
CA GLN A 258 11.81 10.32 2.36
C GLN A 258 11.30 9.10 1.61
N LYS A 259 10.82 8.11 2.35
CA LYS A 259 10.31 6.89 1.75
C LYS A 259 9.07 7.19 0.92
N LEU A 260 8.20 8.07 1.43
CA LEU A 260 7.00 8.44 0.69
C LEU A 260 7.39 8.96 -0.69
N ALA A 261 8.57 9.58 -0.75
CA ALA A 261 9.08 10.13 -2.01
C ALA A 261 9.55 9.00 -2.94
N ASP A 262 10.17 7.97 -2.37
CA ASP A 262 10.63 6.84 -3.17
C ASP A 262 9.43 6.15 -3.79
N LEU A 263 8.36 6.03 -3.00
CA LEU A 263 7.13 5.40 -3.44
C LEU A 263 6.59 6.06 -4.69
N ARG A 264 6.66 7.38 -4.75
CA ARG A 264 6.18 8.12 -5.91
C ARG A 264 6.90 7.66 -7.18
N SER A 265 8.20 7.46 -7.06
CA SER A 265 9.01 7.02 -8.19
C SER A 265 8.55 5.64 -8.63
N LEU A 266 8.36 4.75 -7.65
CA LEU A 266 7.91 3.38 -7.92
C LEU A 266 6.50 3.43 -8.50
N ASN A 267 5.68 4.33 -7.98
CA ASN A 267 4.30 4.49 -8.44
C ASN A 267 4.32 4.79 -9.92
N GLU A 268 5.05 5.83 -10.30
CA GLU A 268 5.19 6.24 -11.68
C GLU A 268 5.65 5.07 -12.56
N GLU A 269 6.75 4.45 -12.16
CA GLU A 269 7.33 3.34 -12.89
C GLU A 269 6.35 2.20 -13.12
N HIS A 270 5.63 1.82 -12.08
CA HIS A 270 4.65 0.75 -12.22
C HIS A 270 3.55 1.15 -13.19
N SER A 271 3.04 2.37 -13.06
CA SER A 271 1.99 2.88 -13.93
C SER A 271 2.31 2.72 -15.41
N LYS A 272 3.55 3.02 -15.79
CA LYS A 272 3.96 2.88 -17.18
C LYS A 272 3.88 1.42 -17.57
N GLN A 273 4.58 0.59 -16.80
CA GLN A 273 4.60 -0.84 -17.08
C GLN A 273 3.20 -1.42 -17.12
N TYR A 274 2.39 -1.12 -16.11
CA TYR A 274 1.03 -1.61 -16.06
C TYR A 274 0.25 -1.16 -17.28
N ARG A 275 0.42 0.11 -17.65
CA ARG A 275 -0.29 0.64 -18.80
C ARG A 275 0.04 -0.21 -20.01
N SER A 276 1.32 -0.51 -20.18
CA SER A 276 1.77 -1.34 -21.30
C SER A 276 1.05 -2.68 -21.27
N LEU A 277 0.93 -3.27 -20.09
CA LEU A 277 0.27 -4.56 -19.95
C LEU A 277 -1.21 -4.50 -20.31
N SER A 278 -1.94 -3.61 -19.64
CA SER A 278 -3.37 -3.45 -19.85
C SER A 278 -3.79 -3.29 -21.30
N PHE A 279 -2.87 -2.85 -22.16
CA PHE A 279 -3.20 -2.68 -23.57
C PHE A 279 -3.16 -3.99 -24.36
N GLN A 280 -2.65 -5.04 -23.72
CA GLN A 280 -2.55 -6.35 -24.34
C GLN A 280 -3.62 -7.28 -23.76
N PRO A 281 -4.73 -7.46 -24.50
CA PRO A 281 -5.84 -8.32 -24.07
C PRO A 281 -5.44 -9.67 -23.49
N GLU A 282 -4.53 -10.38 -24.15
CA GLU A 282 -4.07 -11.67 -23.68
C GLU A 282 -3.53 -11.60 -22.26
N HIS A 283 -3.25 -10.38 -21.82
CA HIS A 283 -2.74 -10.16 -20.48
C HIS A 283 -3.77 -9.53 -19.58
N SER A 284 -4.43 -8.48 -20.07
CA SER A 284 -5.44 -7.83 -19.27
C SER A 284 -6.50 -8.83 -18.83
N MET A 285 -6.80 -9.79 -19.70
CA MET A 285 -7.80 -10.81 -19.38
C MET A 285 -7.37 -11.63 -18.16
N GLN A 286 -6.09 -11.58 -17.83
CA GLN A 286 -5.53 -12.31 -16.70
C GLN A 286 -5.71 -11.57 -15.37
N LEU A 287 -6.04 -10.28 -15.47
CA LEU A 287 -6.25 -9.44 -14.30
C LEU A 287 -7.64 -9.63 -13.71
N THR A 288 -7.93 -8.88 -12.65
CA THR A 288 -9.23 -8.96 -11.99
C THR A 288 -9.99 -7.67 -12.24
N PRO A 289 -11.33 -7.73 -12.22
CA PRO A 289 -12.15 -6.54 -12.44
C PRO A 289 -11.68 -5.39 -11.53
N LEU A 290 -11.52 -5.70 -10.24
CA LEU A 290 -11.07 -4.72 -9.26
C LEU A 290 -9.75 -4.05 -9.64
N VAL A 291 -8.80 -4.83 -10.10
CA VAL A 291 -7.49 -4.31 -10.51
C VAL A 291 -7.61 -3.44 -11.76
N LEU A 292 -8.33 -3.96 -12.75
CA LEU A 292 -8.53 -3.24 -14.00
C LEU A 292 -9.18 -1.89 -13.71
N GLU A 293 -10.11 -1.89 -12.78
CA GLU A 293 -10.83 -0.69 -12.39
C GLU A 293 -9.97 0.33 -11.65
N VAL A 294 -9.28 -0.12 -10.61
CA VAL A 294 -8.44 0.78 -9.83
C VAL A 294 -7.19 1.26 -10.56
N PHE A 295 -6.52 0.35 -11.26
CA PHE A 295 -5.32 0.72 -11.99
C PHE A 295 -5.65 1.30 -13.37
N GLY A 296 -6.89 1.10 -13.81
CA GLY A 296 -7.30 1.63 -15.10
C GLY A 296 -7.47 3.14 -15.01
N SER A 297 -7.17 3.85 -16.10
CA SER A 297 -7.28 5.29 -16.09
C SER A 297 -8.60 5.86 -16.62
N GLU A 298 -9.70 5.55 -15.95
CA GLU A 298 -11.01 6.06 -16.34
C GLU A 298 -11.34 7.20 -15.38
N VAL A 299 -11.46 8.42 -15.91
CA VAL A 299 -11.78 9.59 -15.09
C VAL A 299 -13.22 9.56 -14.58
N ARG B 1 -17.75 6.13 -13.15
CA ARG B 1 -17.50 4.66 -13.19
C ARG B 1 -17.14 4.17 -11.79
N HIS B 2 -16.24 3.20 -11.74
CA HIS B 2 -15.78 2.64 -10.48
C HIS B 2 -16.90 1.95 -9.74
N LYS B 3 -17.60 1.05 -10.43
CA LYS B 3 -18.69 0.31 -9.83
C LYS B 3 -18.25 -0.29 -8.51
N ILE B 4 -17.23 -1.14 -8.60
CA ILE B 4 -16.70 -1.86 -7.45
C ILE B 4 -16.23 -0.98 -6.30
N LEU B 5 -15.28 -0.08 -6.56
CA LEU B 5 -14.78 0.81 -5.53
C LEU B 5 -15.92 1.39 -4.70
N HIS B 6 -16.98 1.83 -5.38
CA HIS B 6 -18.12 2.40 -4.68
C HIS B 6 -18.70 1.41 -3.69
N ARG B 7 -19.07 0.23 -4.16
CA ARG B 7 -19.65 -0.78 -3.30
C ARG B 7 -18.73 -1.07 -2.12
N LEU B 8 -17.45 -1.33 -2.41
CA LEU B 8 -16.49 -1.62 -1.37
C LEU B 8 -16.32 -0.46 -0.40
N LEU B 9 -16.44 0.76 -0.92
CA LEU B 9 -16.27 1.94 -0.08
C LEU B 9 -17.49 2.30 0.75
N GLN B 10 -18.63 1.69 0.45
CA GLN B 10 -19.83 1.99 1.23
C GLN B 10 -19.92 1.06 2.43
N GLU B 11 -20.26 1.64 3.59
CA GLU B 11 -20.39 0.93 4.86
C GLU B 11 -20.61 -0.56 4.68
O1 0VP C . 3.55 -8.65 -3.81
O2 0VP C . 0.50 -4.47 -12.01
C9 0VP C . 2.71 -8.00 -9.46
C10 0VP C . 3.98 -8.36 -2.38
C11 0VP C . 2.38 -5.64 -8.43
C12 0VP C . 1.48 -5.34 -9.50
C13 0VP C . 1.79 -7.66 -10.52
C14 0VP C . 4.24 -8.23 -4.95
C15 0VP C . 2.61 -4.50 -7.38
C16 0VP C . 1.15 -6.29 -10.57
C17 0VP C . 3.36 -7.86 -6.09
C18 0VP C . 3.98 -7.38 -7.36
C19 0VP C . 5.46 -7.29 -7.46
C20 0VP C . 6.28 -7.68 -6.31
C21 0VP C . 5.69 -8.13 -5.09
C22 0VP C . 3.85 -3.76 -7.48
C24 0VP C . 0.16 -5.84 -11.68
C25 0VP C . 0.40 -6.69 -13.00
C26 0VP C . -1.36 -5.88 -11.24
C27 0VP C . 6.21 -7.78 -9.93
C28 0VP C . -1.91 -7.29 -10.84
C29 0VP C . -0.49 -6.35 -14.20
C1 0VP C . 0.82 -7.59 -0.85
C2 0VP C . 0.94 -8.00 0.51
C3 0VP C . 2.03 -9.02 0.89
C4 0VP C . 2.91 -9.53 -0.19
C5 0VP C . 2.73 -9.08 -1.58
C6 0VP C . 1.66 -8.09 -1.84
C48 0VP C . 2.23 -9.51 2.31
O49 0VP C . 2.83 -8.50 3.13
C52 0VP C . -0.04 -7.37 1.49
O53 0VP C . -1.12 -6.71 0.80
C8 0VP C . 6.17 -6.78 -8.78
C7 0VP C . 3.03 -7.04 -8.41
#